data_5NWI
#
_entry.id   5NWI
#
_cell.length_a   110.177
_cell.length_b   110.177
_cell.length_c   136.691
_cell.angle_alpha   90.00
_cell.angle_beta   90.00
_cell.angle_gamma   120.00
#
_symmetry.space_group_name_H-M   'P 65 2 2'
#
loop_
_entity.id
_entity.type
_entity.pdbx_description
1 polymer '14-3-3 c-1 protein'
2 polymer 'Potassium channel KAT1'
3 non-polymer 'ACETATE ION'
4 water water
#
loop_
_entity_poly.entity_id
_entity_poly.type
_entity_poly.pdbx_seq_one_letter_code
_entity_poly.pdbx_strand_id
1 'polypeptide(L)'
;PGMAVAPTAREENVYMAKLAEQAERYEEMVEFMEKVSNSLGSEELTVEERNLLSVAYKNVIGARRASWRIISSIEQKEES
RGNEEHVNSIREYRSKIENELSKICDGILKLLDAKLIPSAASGDSKVFYLKMKGDYHRYLAEFKTGAERKEAAESTLTAY
KAAQDIATTELAPTHPIRLGLALNFSVFYYEILNSPDRACNLAKQAFDEAIAELDTLGEESYKDSTLIMQLLRDNLTLWT
SDMQDDGADEIKEDPKPDEAKN
;
A
2 'polypeptide(L)' YFS(SEP)N P
#
loop_
_chem_comp.id
_chem_comp.type
_chem_comp.name
_chem_comp.formula
ACT non-polymer 'ACETATE ION' 'C2 H3 O2 -1'
#
# COMPACT_ATOMS: atom_id res chain seq x y z
N ALA A 6 -24.16 28.59 0.11
CA ALA A 6 -22.91 28.33 0.84
C ALA A 6 -22.50 26.87 0.72
N PRO A 7 -21.20 26.62 0.48
CA PRO A 7 -20.72 25.25 0.34
C PRO A 7 -20.78 24.51 1.67
N THR A 8 -20.96 23.20 1.59
CA THR A 8 -21.06 22.33 2.76
C THR A 8 -19.68 22.08 3.39
N ALA A 9 -19.69 21.58 4.63
CA ALA A 9 -18.42 21.24 5.30
C ALA A 9 -17.65 20.20 4.49
N ARG A 10 -18.38 19.24 3.92
CA ARG A 10 -17.75 18.22 3.10
C ARG A 10 -17.02 18.81 1.90
N GLU A 11 -17.64 19.77 1.21
CA GLU A 11 -16.95 20.44 0.11
C GLU A 11 -15.72 21.19 0.61
N GLU A 12 -15.83 21.86 1.76
CA GLU A 12 -14.70 22.66 2.20
C GLU A 12 -13.58 21.79 2.76
N ASN A 13 -13.92 20.65 3.38
CA ASN A 13 -12.87 19.72 3.77
C ASN A 13 -12.14 19.16 2.55
N VAL A 14 -12.89 18.84 1.49
CA VAL A 14 -12.22 18.30 0.30
C VAL A 14 -11.30 19.35 -0.29
N TYR A 15 -11.73 20.61 -0.24
CA TYR A 15 -10.93 21.69 -0.80
C TYR A 15 -9.68 21.94 0.03
N MET A 16 -9.81 21.96 1.36
CA MET A 16 -8.64 22.04 2.23
C MET A 16 -7.65 20.91 1.96
N ALA A 17 -8.15 19.68 1.79
CA ALA A 17 -7.26 18.53 1.55
C ALA A 17 -6.38 18.77 0.33
N LYS A 18 -6.98 19.23 -0.76
CA LYS A 18 -6.24 19.63 -1.94
C LYS A 18 -5.32 20.83 -1.70
N LEU A 19 -5.66 21.73 -0.77
CA LEU A 19 -4.68 22.74 -0.38
C LEU A 19 -3.55 22.10 0.41
N ALA A 20 -3.89 21.17 1.31
CA ALA A 20 -2.86 20.47 2.07
C ALA A 20 -1.92 19.71 1.15
N GLU A 21 -2.45 19.08 0.10
CA GLU A 21 -1.57 18.36 -0.82
C GLU A 21 -0.62 19.31 -1.56
N GLN A 22 -1.09 20.50 -1.91
CA GLN A 22 -0.23 21.43 -2.64
C GLN A 22 0.87 21.99 -1.75
N ALA A 23 0.53 22.32 -0.49
CA ALA A 23 1.52 22.76 0.49
C ALA A 23 2.38 21.62 1.02
N GLU A 24 2.06 20.37 0.66
CA GLU A 24 2.82 19.19 1.09
C GLU A 24 2.76 19.04 2.61
N ARG A 25 1.56 19.16 3.17
CA ARG A 25 1.33 19.00 4.61
C ARG A 25 0.34 17.86 4.73
N TYR A 26 0.85 16.64 4.61
CA TYR A 26 -0.02 15.49 4.40
C TYR A 26 -0.71 15.02 5.65
N GLU A 27 -0.13 15.30 6.82
CA GLU A 27 -0.81 15.02 8.08
C GLU A 27 -2.17 15.69 8.10
N GLU A 28 -2.22 17.00 7.82
CA GLU A 28 -3.50 17.71 7.78
C GLU A 28 -4.35 17.27 6.61
N MET A 29 -3.74 16.96 5.47
CA MET A 29 -4.51 16.33 4.40
C MET A 29 -5.23 15.10 4.91
N VAL A 30 -4.56 14.29 5.73
CA VAL A 30 -5.20 13.11 6.28
C VAL A 30 -6.39 13.50 7.14
N GLU A 31 -6.21 14.51 8.00
CA GLU A 31 -7.26 14.92 8.94
C GLU A 31 -8.51 15.41 8.21
N PHE A 32 -8.33 16.19 7.14
CA PHE A 32 -9.45 16.71 6.36
C PHE A 32 -10.18 15.58 5.67
N MET A 33 -9.43 14.68 5.03
CA MET A 33 -10.05 13.54 4.38
C MET A 33 -10.69 12.58 5.36
N GLU A 34 -10.30 12.60 6.64
CA GLU A 34 -10.98 11.73 7.59
C GLU A 34 -12.29 12.31 8.02
N LYS A 35 -12.36 13.65 8.13
CA LYS A 35 -13.63 14.33 8.37
C LYS A 35 -14.64 14.03 7.28
N VAL A 36 -14.20 13.98 6.02
CA VAL A 36 -15.10 13.61 4.94
C VAL A 36 -15.60 12.17 5.13
N SER A 37 -14.71 11.25 5.53
CA SER A 37 -15.09 9.83 5.66
C SER A 37 -15.99 9.60 6.85
N ASN A 38 -15.74 10.29 7.95
CA ASN A 38 -16.59 10.12 9.11
C ASN A 38 -17.92 10.84 8.97
N SER A 39 -18.11 11.66 7.92
CA SER A 39 -19.38 12.31 7.63
C SER A 39 -20.24 11.51 6.64
N LEU A 40 -19.85 10.29 6.29
CA LEU A 40 -20.62 9.49 5.34
C LEU A 40 -21.85 8.89 6.00
N GLY A 41 -22.89 8.71 5.20
CA GLY A 41 -24.04 7.92 5.61
C GLY A 41 -24.05 6.55 4.97
N SER A 42 -24.95 6.33 4.00
CA SER A 42 -24.97 5.10 3.23
C SER A 42 -24.11 5.19 1.97
N GLU A 43 -23.82 6.40 1.49
CA GLU A 43 -23.08 6.61 0.26
C GLU A 43 -21.58 6.46 0.52
N GLU A 44 -20.83 6.27 -0.56
CA GLU A 44 -19.39 6.07 -0.49
C GLU A 44 -18.66 7.26 -1.10
N LEU A 45 -17.35 7.32 -0.87
CA LEU A 45 -16.53 8.39 -1.39
C LEU A 45 -16.47 8.38 -2.90
N THR A 46 -16.37 9.57 -3.49
CA THR A 46 -16.13 9.66 -4.91
C THR A 46 -14.72 9.18 -5.24
N VAL A 47 -14.52 8.75 -6.48
CA VAL A 47 -13.18 8.36 -6.90
C VAL A 47 -12.16 9.42 -6.48
N GLU A 48 -12.50 10.69 -6.60
CA GLU A 48 -11.53 11.73 -6.27
C GLU A 48 -11.22 11.74 -4.79
N GLU A 49 -12.24 11.78 -3.94
CA GLU A 49 -12.00 11.83 -2.50
C GLU A 49 -11.31 10.56 -2.03
N ARG A 50 -11.63 9.44 -2.65
CA ARG A 50 -11.05 8.18 -2.24
C ARG A 50 -9.57 8.14 -2.59
N ASN A 51 -9.20 8.74 -3.72
CA ASN A 51 -7.79 8.87 -4.07
C ASN A 51 -7.07 9.95 -3.28
N LEU A 52 -7.78 11.01 -2.86
CA LEU A 52 -7.16 11.97 -1.96
C LEU A 52 -6.85 11.35 -0.59
N LEU A 53 -7.73 10.49 -0.09
CA LEU A 53 -7.45 9.85 1.18
C LEU A 53 -6.21 8.96 1.07
N SER A 54 -6.09 8.21 -0.03
CA SER A 54 -5.01 7.25 -0.14
C SER A 54 -3.70 7.95 -0.42
N VAL A 55 -3.73 9.07 -1.14
CA VAL A 55 -2.52 9.85 -1.35
C VAL A 55 -2.07 10.49 -0.03
N ALA A 56 -3.02 10.93 0.79
CA ALA A 56 -2.65 11.52 2.07
C ALA A 56 -1.89 10.50 2.93
N TYR A 57 -2.44 9.29 3.03
CA TYR A 57 -1.89 8.31 3.95
C TYR A 57 -0.59 7.74 3.39
N LYS A 58 -0.52 7.49 2.08
CA LYS A 58 0.69 7.00 1.47
C LYS A 58 1.87 7.95 1.65
N ASN A 59 1.60 9.23 1.85
CA ASN A 59 2.68 10.19 2.03
C ASN A 59 3.04 10.40 3.48
N VAL A 60 2.10 10.17 4.40
CA VAL A 60 2.41 10.23 5.83
C VAL A 60 3.24 9.01 6.23
N ILE A 61 2.70 7.81 5.98
CA ILE A 61 3.43 6.55 6.18
C ILE A 61 4.73 6.54 5.38
N GLY A 62 4.71 7.05 4.14
CA GLY A 62 5.88 6.94 3.28
C GLY A 62 7.10 7.67 3.84
N ALA A 63 6.87 8.77 4.55
CA ALA A 63 8.01 9.48 5.13
C ALA A 63 8.60 8.74 6.31
N ARG A 64 7.77 8.02 7.06
CA ARG A 64 8.30 7.23 8.16
C ARG A 64 9.01 6.00 7.64
N ARG A 65 8.45 5.36 6.61
CA ARG A 65 9.12 4.19 6.05
C ARG A 65 10.51 4.57 5.56
N ALA A 66 10.62 5.68 4.83
CA ALA A 66 11.93 6.09 4.36
C ALA A 66 12.89 6.35 5.52
N SER A 67 12.36 6.91 6.62
CA SER A 67 13.17 7.19 7.80
C SER A 67 13.61 5.90 8.45
N TRP A 68 12.68 4.96 8.61
CA TRP A 68 12.98 3.65 9.14
C TRP A 68 14.07 2.97 8.34
N ARG A 69 13.93 2.96 7.02
CA ARG A 69 14.93 2.30 6.20
C ARG A 69 16.30 2.90 6.44
N ILE A 70 16.38 4.23 6.54
CA ILE A 70 17.68 4.86 6.74
C ILE A 70 18.24 4.48 8.10
N ILE A 71 17.41 4.51 9.14
CA ILE A 71 17.93 4.26 10.47
C ILE A 71 18.26 2.79 10.65
N SER A 72 17.52 1.89 9.96
CA SER A 72 17.86 0.48 9.97
C SER A 72 19.22 0.22 9.35
N SER A 73 19.49 0.77 8.17
CA SER A 73 20.77 0.50 7.53
C SER A 73 21.92 1.00 8.39
N ILE A 74 21.73 2.13 9.05
CA ILE A 74 22.78 2.65 9.92
C ILE A 74 23.02 1.70 11.07
N GLU A 75 21.95 1.19 11.67
CA GLU A 75 22.10 0.32 12.83
C GLU A 75 22.77 -0.99 12.45
N GLN A 76 22.39 -1.58 11.32
CA GLN A 76 23.08 -2.75 10.77
C GLN A 76 24.57 -2.49 10.54
N LYS A 77 24.97 -1.24 10.30
CA LYS A 77 26.41 -0.97 10.16
C LYS A 77 27.09 -0.89 11.52
N GLU A 78 26.43 -0.27 12.48
CA GLU A 78 27.09 -0.10 13.75
C GLU A 78 27.11 -1.40 14.55
N GLU A 79 26.11 -2.26 14.34
CA GLU A 79 26.21 -3.64 14.78
C GLU A 79 27.43 -4.31 14.17
N SER A 80 27.69 -4.05 12.89
CA SER A 80 28.81 -4.71 12.22
C SER A 80 30.16 -4.33 12.84
N ARG A 81 30.26 -3.19 13.52
CA ARG A 81 31.48 -2.82 14.23
C ARG A 81 31.47 -3.18 15.71
N GLY A 82 30.37 -3.70 16.24
CA GLY A 82 30.30 -3.94 17.67
C GLY A 82 30.28 -2.67 18.50
N ASN A 83 29.74 -1.59 17.93
CA ASN A 83 29.68 -0.29 18.59
C ASN A 83 28.32 -0.15 19.25
N GLU A 84 28.21 -0.71 20.47
CA GLU A 84 26.93 -0.92 21.13
C GLU A 84 26.27 0.39 21.58
N GLU A 85 27.03 1.40 22.02
CA GLU A 85 26.41 2.62 22.54
C GLU A 85 25.65 3.36 21.43
N HIS A 86 26.26 3.53 20.26
CA HIS A 86 25.54 4.08 19.12
C HIS A 86 24.36 3.17 18.78
N VAL A 87 24.58 1.86 18.78
CA VAL A 87 23.50 0.92 18.47
C VAL A 87 22.31 1.14 19.39
N ASN A 88 22.56 1.41 20.68
CA ASN A 88 21.41 1.57 21.57
C ASN A 88 20.70 2.90 21.30
N SER A 89 21.46 3.96 20.95
CA SER A 89 20.84 5.23 20.57
C SER A 89 20.03 5.10 19.30
N ILE A 90 20.62 4.48 18.27
CA ILE A 90 19.92 4.24 17.02
C ILE A 90 18.61 3.51 17.25
N ARG A 91 18.59 2.55 18.18
CA ARG A 91 17.39 1.74 18.35
C ARG A 91 16.30 2.47 19.12
N GLU A 92 16.65 3.37 20.03
CA GLU A 92 15.63 4.22 20.61
C GLU A 92 15.02 5.11 19.55
N TYR A 93 15.85 5.63 18.63
CA TYR A 93 15.32 6.42 17.54
C TYR A 93 14.40 5.58 16.66
N ARG A 94 14.87 4.40 16.23
CA ARG A 94 14.04 3.52 15.41
C ARG A 94 12.73 3.19 16.12
N SER A 95 12.80 2.88 17.41
CA SER A 95 11.59 2.51 18.12
C SER A 95 10.57 3.63 18.10
N LYS A 96 11.04 4.88 18.05
CA LYS A 96 10.13 6.02 17.97
C LYS A 96 9.46 6.08 16.60
N ILE A 97 10.24 5.98 15.52
CA ILE A 97 9.69 5.89 14.17
C ILE A 97 8.67 4.76 14.06
N GLU A 98 8.96 3.58 14.63
CA GLU A 98 8.03 2.45 14.63
C GLU A 98 6.75 2.75 15.41
N ASN A 99 6.83 3.54 16.47
CA ASN A 99 5.61 3.92 17.18
CA ASN A 99 5.64 3.96 17.21
C ASN A 99 4.72 4.80 16.29
N GLU A 100 5.32 5.66 15.46
CA GLU A 100 4.50 6.42 14.52
C GLU A 100 3.92 5.53 13.44
N LEU A 101 4.74 4.64 12.85
CA LEU A 101 4.21 3.70 11.86
C LEU A 101 3.03 2.93 12.42
N SER A 102 3.12 2.47 13.66
CA SER A 102 2.00 1.69 14.18
C SER A 102 0.75 2.55 14.34
N LYS A 103 0.91 3.87 14.60
CA LYS A 103 -0.26 4.74 14.81
C LYS A 103 -0.92 5.10 13.49
N ILE A 104 -0.11 5.48 12.50
CA ILE A 104 -0.63 5.79 11.17
C ILE A 104 -1.39 4.61 10.61
N CYS A 105 -0.79 3.41 10.68
CA CYS A 105 -1.46 2.21 10.20
C CYS A 105 -2.77 1.97 10.94
N ASP A 106 -2.78 2.17 12.24
CA ASP A 106 -4.01 1.82 12.95
C ASP A 106 -5.10 2.85 12.67
N GLY A 107 -4.74 4.07 12.29
CA GLY A 107 -5.72 5.07 11.90
C GLY A 107 -6.51 4.66 10.68
N ILE A 108 -5.80 4.41 9.57
CA ILE A 108 -6.47 4.00 8.35
C ILE A 108 -7.12 2.62 8.50
N LEU A 109 -6.47 1.70 9.23
CA LEU A 109 -7.05 0.37 9.35
C LEU A 109 -8.37 0.38 10.13
N LYS A 110 -8.53 1.25 11.13
CA LYS A 110 -9.83 1.39 11.79
C LYS A 110 -10.86 2.02 10.84
N LEU A 111 -10.48 3.09 10.14
CA LEU A 111 -11.38 3.70 9.18
C LEU A 111 -11.87 2.69 8.16
N LEU A 112 -10.95 1.89 7.59
CA LEU A 112 -11.32 0.96 6.52
C LEU A 112 -12.40 -0.03 6.97
N ASP A 113 -12.26 -0.60 8.19
CA ASP A 113 -13.22 -1.59 8.68
C ASP A 113 -14.51 -0.96 9.18
N ALA A 114 -14.44 0.30 9.63
CA ALA A 114 -15.57 0.97 10.28
C ALA A 114 -16.47 1.71 9.29
N LYS A 115 -15.90 2.31 8.24
CA LYS A 115 -16.66 3.18 7.35
C LYS A 115 -16.48 2.77 5.90
N LEU A 116 -15.23 2.64 5.47
CA LEU A 116 -14.96 2.55 4.05
C LEU A 116 -15.42 1.24 3.43
N ILE A 117 -15.01 0.10 3.98
CA ILE A 117 -15.35 -1.20 3.40
C ILE A 117 -16.85 -1.52 3.54
N PRO A 118 -17.52 -1.20 4.66
CA PRO A 118 -18.99 -1.41 4.68
C PRO A 118 -19.78 -0.50 3.74
N SER A 119 -19.17 0.56 3.20
CA SER A 119 -19.85 1.43 2.23
C SER A 119 -19.57 1.04 0.79
N ALA A 120 -18.45 0.38 0.50
CA ALA A 120 -18.11 0.01 -0.87
C ALA A 120 -19.27 -0.70 -1.55
N ALA A 121 -19.65 -0.21 -2.74
CA ALA A 121 -20.79 -0.73 -3.46
C ALA A 121 -20.46 -1.26 -4.85
N SER A 122 -19.28 -0.99 -5.37
CA SER A 122 -18.90 -1.54 -6.66
C SER A 122 -17.63 -2.37 -6.49
N GLY A 123 -17.36 -3.21 -7.49
CA GLY A 123 -16.06 -3.88 -7.55
C GLY A 123 -14.90 -2.92 -7.39
N ASP A 124 -14.94 -1.78 -8.11
CA ASP A 124 -13.83 -0.84 -8.08
C ASP A 124 -13.42 -0.50 -6.65
N SER A 125 -14.39 -0.18 -5.80
CA SER A 125 -14.03 0.34 -4.50
C SER A 125 -13.77 -0.77 -3.51
N LYS A 126 -14.51 -1.89 -3.62
CA LYS A 126 -14.22 -3.06 -2.81
C LYS A 126 -12.74 -3.46 -2.94
N VAL A 127 -12.30 -3.70 -4.17
CA VAL A 127 -10.88 -4.02 -4.37
C VAL A 127 -10.00 -2.93 -3.79
N PHE A 128 -10.31 -1.67 -4.09
CA PHE A 128 -9.46 -0.55 -3.68
C PHE A 128 -9.24 -0.53 -2.18
N TYR A 129 -10.32 -0.75 -1.39
CA TYR A 129 -10.20 -0.67 0.06
C TYR A 129 -9.57 -1.92 0.66
N LEU A 130 -9.93 -3.11 0.16
CA LEU A 130 -9.29 -4.34 0.62
C LEU A 130 -7.80 -4.34 0.30
N LYS A 131 -7.44 -3.86 -0.88
CA LYS A 131 -6.02 -3.80 -1.16
C LYS A 131 -5.33 -2.80 -0.26
N MET A 132 -6.00 -1.69 0.07
CA MET A 132 -5.37 -0.75 0.98
C MET A 132 -5.29 -1.35 2.39
N LYS A 133 -6.18 -2.28 2.71
CA LYS A 133 -6.05 -2.94 4.01
C LYS A 133 -4.86 -3.90 3.98
N GLY A 134 -4.69 -4.60 2.86
CA GLY A 134 -3.51 -5.41 2.67
C GLY A 134 -2.24 -4.61 2.77
N ASP A 135 -2.25 -3.39 2.21
CA ASP A 135 -1.04 -2.58 2.15
C ASP A 135 -0.58 -2.20 3.55
N TYR A 136 -1.50 -1.80 4.41
CA TYR A 136 -1.06 -1.26 5.67
C TYR A 136 -0.78 -2.34 6.70
N HIS A 137 -1.41 -3.51 6.59
CA HIS A 137 -0.93 -4.63 7.40
C HIS A 137 0.46 -5.05 6.94
N ARG A 138 0.79 -4.84 5.66
CA ARG A 138 2.10 -5.23 5.13
C ARG A 138 3.20 -4.26 5.53
N TYR A 139 2.88 -2.97 5.72
CA TYR A 139 3.84 -2.02 6.30
C TYR A 139 4.15 -2.33 7.75
N LEU A 140 3.18 -2.88 8.50
CA LEU A 140 3.50 -3.33 9.85
C LEU A 140 4.45 -4.52 9.80
N ALA A 141 4.11 -5.51 8.98
CA ALA A 141 4.98 -6.67 8.79
C ALA A 141 6.43 -6.29 8.49
N GLU A 142 6.66 -5.16 7.82
CA GLU A 142 8.01 -4.86 7.34
C GLU A 142 9.00 -4.60 8.48
N PHE A 143 8.51 -4.34 9.70
CA PHE A 143 9.38 -4.00 10.82
C PHE A 143 9.07 -4.78 12.08
N LYS A 144 7.96 -5.51 12.10
CA LYS A 144 7.65 -6.26 13.28
C LYS A 144 8.46 -7.56 13.31
N THR A 145 8.62 -8.10 14.51
CA THR A 145 9.37 -9.32 14.70
C THR A 145 8.50 -10.33 15.46
N GLY A 146 8.81 -11.60 15.26
CA GLY A 146 8.30 -12.62 16.16
C GLY A 146 6.81 -12.83 15.97
N ALA A 147 6.09 -12.91 17.10
CA ALA A 147 4.65 -13.13 17.07
C ALA A 147 3.94 -12.00 16.33
N GLU A 148 4.36 -10.75 16.57
CA GLU A 148 3.72 -9.60 15.95
C GLU A 148 3.82 -9.67 14.43
N ARG A 149 4.97 -10.15 13.93
CA ARG A 149 5.16 -10.24 12.49
C ARG A 149 4.21 -11.25 11.86
N LYS A 150 3.96 -12.35 12.56
CA LYS A 150 3.10 -13.38 11.98
C LYS A 150 1.68 -12.88 11.82
N GLU A 151 1.18 -12.21 12.86
CA GLU A 151 -0.17 -11.65 12.83
C GLU A 151 -0.34 -10.65 11.70
N ALA A 152 0.64 -9.74 11.52
CA ALA A 152 0.60 -8.80 10.40
C ALA A 152 0.53 -9.54 9.08
N ALA A 153 1.51 -10.42 8.84
CA ALA A 153 1.57 -11.19 7.60
C ALA A 153 0.29 -11.98 7.36
N GLU A 154 -0.32 -12.49 8.43
CA GLU A 154 -1.56 -13.24 8.25
C GLU A 154 -2.69 -12.31 7.82
N SER A 155 -2.82 -11.17 8.52
CA SER A 155 -3.80 -10.15 8.14
C SER A 155 -3.58 -9.71 6.68
N THR A 156 -2.34 -9.36 6.33
CA THR A 156 -2.02 -8.99 4.96
C THR A 156 -2.53 -10.02 3.95
N LEU A 157 -2.29 -11.31 4.22
CA LEU A 157 -2.62 -12.30 3.20
C LEU A 157 -4.13 -12.48 3.09
N THR A 158 -4.85 -12.42 4.20
CA THR A 158 -6.31 -12.52 4.12
C THR A 158 -6.89 -11.39 3.27
N ALA A 159 -6.41 -10.15 3.49
CA ALA A 159 -6.93 -8.97 2.79
C ALA A 159 -6.65 -9.02 1.30
N TYR A 160 -5.40 -9.28 0.92
CA TYR A 160 -5.06 -9.37 -0.50
C TYR A 160 -5.78 -10.52 -1.19
N LYS A 161 -6.10 -11.58 -0.47
CA LYS A 161 -6.74 -12.65 -1.21
C LYS A 161 -8.24 -12.36 -1.40
N ALA A 162 -8.85 -11.67 -0.42
CA ALA A 162 -10.22 -11.17 -0.55
C ALA A 162 -10.33 -10.15 -1.67
N ALA A 163 -9.38 -9.21 -1.72
CA ALA A 163 -9.29 -8.28 -2.83
C ALA A 163 -9.20 -9.02 -4.15
N GLN A 164 -8.33 -10.01 -4.24
CA GLN A 164 -8.11 -10.64 -5.53
C GLN A 164 -9.27 -11.54 -5.97
N ASP A 165 -10.01 -12.13 -5.02
CA ASP A 165 -11.17 -12.90 -5.43
C ASP A 165 -12.19 -12.02 -6.13
N ILE A 166 -12.33 -10.78 -5.65
CA ILE A 166 -13.20 -9.80 -6.30
C ILE A 166 -12.55 -9.24 -7.56
N ALA A 167 -11.28 -8.82 -7.49
CA ALA A 167 -10.61 -8.24 -8.66
C ALA A 167 -10.66 -9.15 -9.89
N THR A 168 -10.37 -10.44 -9.72
CA THR A 168 -10.26 -11.34 -10.88
C THR A 168 -11.63 -11.66 -11.47
N THR A 169 -12.68 -11.46 -10.69
CA THR A 169 -14.03 -11.74 -11.14
C THR A 169 -14.81 -10.48 -11.55
N GLU A 170 -14.36 -9.28 -11.16
CA GLU A 170 -15.16 -8.08 -11.39
C GLU A 170 -14.47 -7.03 -12.24
N LEU A 171 -13.13 -6.95 -12.21
CA LEU A 171 -12.38 -5.95 -12.96
C LEU A 171 -11.63 -6.56 -14.13
N ALA A 172 -11.30 -5.71 -15.12
CA ALA A 172 -10.57 -6.19 -16.28
C ALA A 172 -9.10 -6.38 -15.91
N PRO A 173 -8.41 -7.31 -16.59
CA PRO A 173 -6.96 -7.51 -16.36
C PRO A 173 -6.13 -6.26 -16.45
N THR A 174 -6.57 -5.33 -17.26
CA THR A 174 -5.89 -4.07 -17.46
C THR A 174 -6.20 -2.95 -16.46
N HIS A 175 -7.10 -3.17 -15.52
CA HIS A 175 -7.49 -2.19 -14.55
C HIS A 175 -6.34 -1.91 -13.60
N PRO A 176 -5.98 -0.67 -13.46
CA PRO A 176 -4.88 -0.27 -12.61
C PRO A 176 -5.01 -0.65 -11.16
N ILE A 177 -6.21 -0.79 -10.63
CA ILE A 177 -6.33 -1.16 -9.24
C ILE A 177 -6.04 -2.64 -9.08
N ARG A 178 -6.45 -3.43 -10.07
CA ARG A 178 -6.15 -4.84 -10.10
C ARG A 178 -4.66 -5.09 -10.39
N LEU A 179 -4.10 -4.40 -11.40
CA LEU A 179 -2.67 -4.52 -11.61
C LEU A 179 -1.89 -4.06 -10.39
N GLY A 180 -2.32 -2.96 -9.75
CA GLY A 180 -1.64 -2.51 -8.55
C GLY A 180 -1.69 -3.55 -7.44
N LEU A 181 -2.83 -4.26 -7.33
CA LEU A 181 -3.00 -5.32 -6.36
C LEU A 181 -2.02 -6.45 -6.61
N ALA A 182 -1.93 -6.89 -7.87
CA ALA A 182 -0.98 -7.94 -8.22
C ALA A 182 0.42 -7.50 -7.92
N LEU A 183 0.75 -6.28 -8.24
CA LEU A 183 2.06 -5.76 -7.95
C LEU A 183 2.45 -5.86 -6.49
N ASN A 184 1.55 -5.47 -5.60
CA ASN A 184 1.78 -5.50 -4.19
C ASN A 184 1.69 -6.84 -3.53
N PHE A 185 0.84 -7.68 -4.06
CA PHE A 185 0.65 -9.01 -3.55
C PHE A 185 1.92 -9.76 -3.84
N SER A 186 2.41 -9.64 -5.07
CA SER A 186 3.66 -10.30 -5.36
C SER A 186 4.79 -9.75 -4.49
N VAL A 187 4.81 -8.44 -4.26
CA VAL A 187 5.87 -7.91 -3.41
C VAL A 187 5.77 -8.52 -2.01
N PHE A 188 4.54 -8.72 -1.53
CA PHE A 188 4.37 -9.30 -0.21
C PHE A 188 4.96 -10.73 -0.13
N TYR A 189 4.67 -11.59 -1.13
CA TYR A 189 5.34 -12.88 -1.25
C TYR A 189 6.85 -12.75 -1.26
N TYR A 190 7.38 -11.79 -2.01
CA TYR A 190 8.84 -11.74 -2.14
C TYR A 190 9.53 -11.22 -0.89
N GLU A 191 9.00 -10.15 -0.29
CA GLU A 191 9.73 -9.45 0.76
C GLU A 191 9.25 -9.84 2.15
N ILE A 192 8.00 -10.19 2.33
CA ILE A 192 7.51 -10.61 3.65
C ILE A 192 7.58 -12.13 3.81
N LEU A 193 7.03 -12.87 2.85
CA LEU A 193 7.03 -14.32 2.96
C LEU A 193 8.29 -14.97 2.39
N ASN A 194 9.23 -14.17 1.86
CA ASN A 194 10.50 -14.67 1.31
C ASN A 194 10.26 -15.86 0.37
N SER A 195 9.20 -15.78 -0.46
CA SER A 195 8.82 -16.82 -1.41
C SER A 195 8.92 -16.30 -2.85
N PRO A 196 10.11 -16.30 -3.43
CA PRO A 196 10.27 -15.80 -4.81
C PRO A 196 9.52 -16.60 -5.84
N ASP A 197 9.20 -17.86 -5.55
CA ASP A 197 8.46 -18.68 -6.49
CA ASP A 197 8.47 -18.65 -6.53
C ASP A 197 7.03 -18.16 -6.68
N ARG A 198 6.33 -17.90 -5.58
CA ARG A 198 4.97 -17.45 -5.79
C ARG A 198 4.86 -15.95 -6.05
N ALA A 199 5.91 -15.19 -5.78
CA ALA A 199 5.94 -13.81 -6.24
C ALA A 199 5.93 -13.75 -7.77
N CYS A 200 6.86 -14.46 -8.42
CA CYS A 200 6.93 -14.43 -9.88
C CYS A 200 5.72 -15.05 -10.55
N ASN A 201 5.22 -16.18 -10.03
CA ASN A 201 4.02 -16.76 -10.62
C ASN A 201 2.86 -15.76 -10.60
N LEU A 202 2.75 -14.97 -9.54
CA LEU A 202 1.64 -14.05 -9.42
C LEU A 202 1.88 -12.82 -10.29
N ALA A 203 3.07 -12.21 -10.17
CA ALA A 203 3.39 -11.04 -10.97
C ALA A 203 3.28 -11.32 -12.47
N LYS A 204 3.93 -12.40 -12.92
CA LYS A 204 3.93 -12.75 -14.33
C LYS A 204 2.54 -13.17 -14.81
N GLN A 205 1.66 -13.62 -13.95
CA GLN A 205 0.35 -13.99 -14.45
C GLN A 205 -0.50 -12.72 -14.65
N ALA A 206 -0.40 -11.77 -13.73
CA ALA A 206 -1.08 -10.48 -13.89
C ALA A 206 -0.61 -9.76 -15.15
N PHE A 207 0.69 -9.72 -15.37
CA PHE A 207 1.23 -9.13 -16.58
C PHE A 207 0.69 -9.80 -17.83
N ASP A 208 0.71 -11.14 -17.87
CA ASP A 208 0.33 -11.86 -19.09
C ASP A 208 -1.17 -11.72 -19.40
N GLU A 209 -2.05 -11.70 -18.38
CA GLU A 209 -3.47 -11.47 -18.66
C GLU A 209 -3.73 -10.06 -19.17
N ALA A 210 -2.97 -9.08 -18.68
CA ALA A 210 -3.07 -7.71 -19.18
C ALA A 210 -2.61 -7.61 -20.63
N ILE A 211 -1.43 -8.13 -20.93
CA ILE A 211 -0.96 -8.17 -22.31
C ILE A 211 -2.00 -8.82 -23.22
N ALA A 212 -2.66 -9.88 -22.73
CA ALA A 212 -3.60 -10.58 -23.59
C ALA A 212 -4.81 -9.72 -23.89
N GLU A 213 -5.30 -9.00 -22.88
CA GLU A 213 -6.43 -8.11 -23.10
C GLU A 213 -6.04 -6.93 -23.98
N LEU A 214 -4.85 -6.36 -23.76
CA LEU A 214 -4.44 -5.23 -24.61
C LEU A 214 -4.36 -5.66 -26.07
N ASP A 215 -3.84 -6.87 -26.31
CA ASP A 215 -3.66 -7.35 -27.67
C ASP A 215 -4.99 -7.61 -28.39
N THR A 216 -6.08 -7.84 -27.66
CA THR A 216 -7.32 -8.22 -28.30
C THR A 216 -8.42 -7.18 -28.17
N LEU A 217 -8.50 -6.47 -27.04
CA LEU A 217 -9.63 -5.57 -26.80
C LEU A 217 -9.23 -4.12 -26.60
N GLY A 218 -7.93 -3.80 -26.58
CA GLY A 218 -7.48 -2.51 -26.12
C GLY A 218 -7.79 -2.32 -24.64
N GLU A 219 -7.79 -1.06 -24.22
CA GLU A 219 -8.27 -0.71 -22.88
C GLU A 219 -8.36 0.79 -22.78
N GLU A 220 -9.16 1.24 -21.82
CA GLU A 220 -9.34 2.65 -21.48
C GLU A 220 -8.67 2.94 -20.13
N SER A 221 -8.13 4.16 -19.99
CA SER A 221 -7.20 4.59 -18.93
C SER A 221 -5.83 3.91 -19.10
N TYR A 222 -5.35 3.90 -20.35
CA TYR A 222 -4.08 3.28 -20.76
C TYR A 222 -2.89 3.90 -20.02
N LYS A 223 -2.94 5.21 -19.78
CA LYS A 223 -1.90 5.97 -19.10
C LYS A 223 -1.36 5.26 -17.86
N ASP A 224 -2.28 4.93 -16.95
CA ASP A 224 -1.91 4.46 -15.62
C ASP A 224 -1.43 3.01 -15.67
N SER A 225 -2.12 2.18 -16.47
CA SER A 225 -1.87 0.75 -16.48
C SER A 225 -0.51 0.42 -17.08
N THR A 226 -0.14 1.08 -18.19
CA THR A 226 1.13 0.72 -18.80
C THR A 226 2.29 0.97 -17.86
N LEU A 227 2.18 1.95 -16.97
CA LEU A 227 3.27 2.20 -16.04
C LEU A 227 3.34 1.15 -14.94
N ILE A 228 2.19 0.76 -14.37
CA ILE A 228 2.20 -0.35 -13.41
C ILE A 228 2.70 -1.61 -14.07
N MET A 229 2.44 -1.75 -15.34
CA MET A 229 2.90 -2.89 -16.05
C MET A 229 4.40 -2.86 -16.22
N GLN A 230 4.98 -1.68 -16.26
CA GLN A 230 6.42 -1.57 -16.34
C GLN A 230 6.92 -2.00 -14.99
N LEU A 231 6.28 -1.58 -13.91
CA LEU A 231 6.67 -1.96 -12.58
C LEU A 231 6.67 -3.45 -12.43
N LEU A 232 5.60 -4.11 -12.84
CA LEU A 232 5.58 -5.57 -12.78
C LEU A 232 6.79 -6.15 -13.51
N ARG A 233 7.03 -5.71 -14.74
CA ARG A 233 8.13 -6.28 -15.50
C ARG A 233 9.48 -5.98 -14.87
N ASP A 234 9.62 -4.81 -14.22
CA ASP A 234 10.87 -4.48 -13.55
C ASP A 234 11.17 -5.45 -12.42
N ASN A 235 10.24 -5.56 -11.47
CA ASN A 235 10.40 -6.53 -10.39
C ASN A 235 10.67 -7.92 -10.92
N LEU A 236 10.02 -8.32 -12.00
CA LEU A 236 10.21 -9.66 -12.51
C LEU A 236 11.64 -9.85 -12.99
N THR A 237 12.12 -8.94 -13.83
CA THR A 237 13.45 -9.14 -14.41
C THR A 237 14.56 -9.06 -13.36
N LEU A 238 14.32 -8.35 -12.24
CA LEU A 238 15.38 -8.39 -11.25
C LEU A 238 15.18 -9.47 -10.21
N TRP A 239 13.94 -9.90 -9.98
CA TRP A 239 13.76 -11.12 -9.21
C TRP A 239 14.38 -12.31 -9.93
N THR A 240 14.13 -12.44 -11.24
CA THR A 240 14.60 -13.65 -11.93
C THR A 240 16.09 -13.58 -12.22
N SER A 241 16.70 -12.40 -12.24
CA SER A 241 18.16 -12.37 -12.32
C SER A 241 18.79 -12.83 -11.00
N ASP A 242 18.10 -12.65 -9.87
CA ASP A 242 18.67 -13.03 -8.56
C ASP A 242 18.56 -14.52 -8.30
N MET A 243 17.48 -15.15 -8.79
CA MET A 243 17.35 -16.61 -8.71
C MET A 243 18.44 -17.30 -9.54
N GLN A 244 18.74 -16.76 -10.74
CA GLN A 244 19.83 -17.25 -11.58
C GLN A 244 21.20 -16.88 -10.99
N ASP A 245 21.41 -15.60 -10.67
CA ASP A 245 22.68 -15.08 -10.14
C ASP A 245 22.84 -15.47 -8.66
N TYR B 1 14.51 -3.18 -1.67
CA TYR B 1 13.25 -2.46 -1.64
C TYR B 1 12.69 -2.33 -3.07
N PHE B 2 11.61 -3.04 -3.34
CA PHE B 2 11.06 -3.17 -4.68
C PHE B 2 9.92 -2.19 -4.91
N SER B 3 9.52 -2.11 -6.18
CA SER B 3 8.48 -1.20 -6.58
C SER B 3 7.12 -1.71 -6.15
N SEP B 4 6.32 -0.80 -5.58
CA SEP B 4 4.96 -1.12 -5.13
CB SEP B 4 4.97 -1.34 -3.63
OG SEP B 4 5.15 -0.09 -2.95
C SEP B 4 4.03 0.02 -5.47
O SEP B 4 4.45 1.20 -5.46
P SEP B 4 4.84 0.05 -1.38
O1P SEP B 4 5.78 -0.94 -0.73
O2P SEP B 4 5.15 1.50 -1.08
O3P SEP B 4 3.38 -0.31 -1.27
N ASN B 5 2.77 -0.30 -5.77
CA ASN B 5 1.75 0.68 -6.12
C ASN B 5 1.13 1.20 -4.81
C ACT C . 8.43 2.12 -1.54
O ACT C . 9.16 1.10 -1.72
OXT ACT C . 7.63 2.44 -2.45
CH3 ACT C . 8.49 2.91 -0.27
#